data_6IFB
#
_entry.id   6IFB
#
_cell.length_a   57.194
_cell.length_b   62.377
_cell.length_c   67.410
_cell.angle_alpha   90.000
_cell.angle_beta   90.000
_cell.angle_gamma   90.000
#
_symmetry.space_group_name_H-M   'P 21 21 21'
#
loop_
_entity.id
_entity.type
_entity.pdbx_description
1 polymer lectin
2 non-polymer beta-L-rhamnopyranose
3 non-polymer GLYCEROL
4 non-polymer 'ISOPROPYL ALCOHOL'
5 water water
#
_entity_poly.entity_id   1
_entity_poly.type   'polypeptide(L)'
_entity_poly.pdbx_seq_one_letter_code
;VPRGSHMSNEAHTLVTPEGNVIDIQGASQENGANAIIYPRHGGENQLFFIDKQIGWIISVFSRKALTVKENMHDIVQSDY
CSLSRQQWIFEDNPDGTTIIRCYENPELVLSVTGNIDKVCLSPFTREAHQLWRIE
;
_entity_poly.pdbx_strand_id   A,B
#
# COMPACT_ATOMS: atom_id res chain seq x y z
N GLU A 10 -12.38 4.07 3.39
CA GLU A 10 -11.63 2.96 2.76
C GLU A 10 -10.88 2.09 3.78
N ALA A 11 -10.74 2.47 5.06
CA ALA A 11 -10.38 1.41 6.09
C ALA A 11 -11.61 0.51 6.32
N HIS A 12 -11.36 -0.80 6.54
CA HIS A 12 -12.40 -1.78 6.83
C HIS A 12 -12.06 -2.62 8.06
N THR A 13 -13.10 -3.15 8.68
CA THR A 13 -12.97 -4.26 9.60
C THR A 13 -13.39 -5.51 8.86
N LEU A 14 -12.79 -6.64 9.26
CA LEU A 14 -13.08 -7.96 8.79
C LEU A 14 -13.81 -8.71 9.88
N VAL A 15 -15.13 -8.89 9.66
CA VAL A 15 -16.07 -9.21 10.74
C VAL A 15 -16.52 -10.67 10.67
N THR A 16 -16.56 -11.30 11.86
CA THR A 16 -17.05 -12.64 12.01
C THR A 16 -18.56 -12.66 12.13
N PRO A 17 -19.19 -13.84 12.08
CA PRO A 17 -20.64 -13.92 12.24
C PRO A 17 -21.15 -13.44 13.60
N GLU A 18 -20.29 -13.47 14.62
CA GLU A 18 -20.65 -13.00 15.95
C GLU A 18 -20.39 -11.51 16.12
N GLY A 19 -19.81 -10.84 15.11
CA GLY A 19 -19.58 -9.42 15.17
C GLY A 19 -18.19 -9.03 15.68
N ASN A 20 -17.34 -10.01 15.91
CA ASN A 20 -15.94 -9.75 16.29
C ASN A 20 -15.11 -9.52 15.03
N VAL A 21 -13.86 -9.09 15.19
CA VAL A 21 -13.03 -8.68 14.06
C VAL A 21 -11.60 -9.23 14.16
N ILE A 22 -10.96 -9.28 12.98
CA ILE A 22 -9.50 -9.50 12.91
C ILE A 22 -8.80 -8.30 13.52
N ASP A 23 -7.84 -8.63 14.38
CA ASP A 23 -7.16 -7.69 15.26
C ASP A 23 -5.69 -8.09 15.31
N ILE A 24 -4.79 -7.10 15.16
CA ILE A 24 -3.37 -7.39 15.36
C ILE A 24 -3.10 -7.35 16.87
N GLN A 25 -2.68 -8.49 17.39
CA GLN A 25 -2.51 -8.71 18.83
C GLN A 25 -1.61 -7.64 19.47
N GLY A 26 -2.02 -7.16 20.64
CA GLY A 26 -1.26 -6.15 21.35
C GLY A 26 -1.19 -4.80 20.64
N ALA A 27 -2.01 -4.54 19.63
CA ALA A 27 -1.82 -3.42 18.74
C ALA A 27 -0.35 -3.33 18.30
N SER A 28 0.25 -4.47 18.01
CA SER A 28 1.66 -4.49 17.66
C SER A 28 1.92 -3.82 16.31
N GLN A 29 3.11 -3.23 16.20
CA GLN A 29 3.63 -2.73 14.95
C GLN A 29 4.83 -3.55 14.47
N GLU A 30 5.08 -4.74 15.04
CA GLU A 30 6.21 -5.55 14.70
C GLU A 30 5.85 -6.60 13.65
N ASN A 31 6.82 -6.94 12.82
CA ASN A 31 6.77 -8.10 11.97
C ASN A 31 6.55 -9.34 12.84
N GLY A 32 5.62 -10.20 12.41
CA GLY A 32 5.39 -11.45 13.02
C GLY A 32 4.29 -11.44 14.07
N ALA A 33 3.71 -10.27 14.35
CA ALA A 33 2.61 -10.21 15.33
C ALA A 33 1.42 -11.04 14.84
N ASN A 34 0.76 -11.71 15.78
CA ASN A 34 -0.39 -12.52 15.44
C ASN A 34 -1.62 -11.70 15.04
N ALA A 35 -2.37 -12.27 14.12
CA ALA A 35 -3.77 -11.85 13.86
C ALA A 35 -4.70 -12.71 14.72
N ILE A 36 -5.53 -12.05 15.50
CA ILE A 36 -6.45 -12.72 16.43
C ILE A 36 -7.86 -12.18 16.22
N ILE A 37 -8.84 -12.87 16.82
CA ILE A 37 -10.21 -12.39 16.85
C ILE A 37 -10.44 -11.62 18.13
N TYR A 38 -11.12 -10.48 18.03
CA TYR A 38 -11.27 -9.61 19.17
C TYR A 38 -12.56 -8.83 19.06
N PRO A 39 -13.26 -8.54 20.16
CA PRO A 39 -14.43 -7.64 20.09
C PRO A 39 -14.07 -6.32 19.44
N ARG A 40 -15.04 -5.85 18.67
CA ARG A 40 -14.81 -4.72 17.83
C ARG A 40 -14.75 -3.42 18.63
N HIS A 41 -13.65 -2.68 18.49
CA HIS A 41 -13.48 -1.36 19.07
C HIS A 41 -13.09 -0.34 17.98
N GLY A 42 -12.69 -0.76 16.79
CA GLY A 42 -12.37 0.18 15.70
C GLY A 42 -11.03 0.90 15.87
N GLY A 43 -10.23 0.59 16.91
CA GLY A 43 -8.81 1.01 16.98
C GLY A 43 -8.11 0.66 15.68
N GLU A 44 -6.99 1.35 15.41
CA GLU A 44 -6.39 1.21 14.08
C GLU A 44 -5.76 -0.18 13.85
N ASN A 45 -5.52 -0.98 14.89
CA ASN A 45 -5.04 -2.34 14.74
C ASN A 45 -6.17 -3.31 14.41
N GLN A 46 -7.42 -2.82 14.27
CA GLN A 46 -8.52 -3.60 13.77
C GLN A 46 -8.95 -3.16 12.36
N LEU A 47 -8.28 -2.13 11.85
CA LEU A 47 -8.68 -1.54 10.55
C LEU A 47 -7.66 -1.97 9.50
N PHE A 48 -8.18 -2.25 8.30
CA PHE A 48 -7.34 -2.73 7.20
C PHE A 48 -7.74 -2.02 5.91
N PHE A 49 -6.73 -1.65 5.14
CA PHE A 49 -6.92 -1.23 3.76
C PHE A 49 -6.95 -2.49 2.90
N ILE A 50 -7.95 -2.58 2.04
CA ILE A 50 -8.02 -3.67 1.11
C ILE A 50 -7.99 -3.09 -0.30
N ASP A 51 -7.12 -3.64 -1.14
CA ASP A 51 -7.02 -3.13 -2.49
C ASP A 51 -7.15 -4.32 -3.42
N LYS A 52 -8.22 -4.31 -4.20
CA LYS A 52 -8.46 -5.44 -5.06
C LYS A 52 -7.78 -5.30 -6.40
N GLN A 53 -7.03 -4.24 -6.65
CA GLN A 53 -6.21 -4.20 -7.85
C GLN A 53 -4.98 -5.05 -7.62
N ILE A 54 -4.44 -5.01 -6.39
CA ILE A 54 -3.19 -5.62 -5.96
C ILE A 54 -3.50 -6.95 -5.24
N GLY A 55 -4.44 -6.91 -4.30
CA GLY A 55 -4.82 -8.10 -3.55
C GLY A 55 -4.27 -8.12 -2.13
N TRP A 56 -3.88 -6.98 -1.58
CA TRP A 56 -3.31 -6.91 -0.23
C TRP A 56 -4.37 -6.58 0.82
N ILE A 57 -4.06 -6.89 2.08
CA ILE A 57 -4.81 -6.53 3.27
C ILE A 57 -3.81 -5.90 4.24
N ILE A 58 -3.81 -4.57 4.39
CA ILE A 58 -2.77 -3.88 5.12
C ILE A 58 -3.34 -3.30 6.40
N SER A 59 -2.70 -3.58 7.55
CA SER A 59 -3.10 -2.99 8.81
C SER A 59 -2.94 -1.48 8.77
N VAL A 60 -3.96 -0.73 9.17
CA VAL A 60 -3.82 0.72 9.24
C VAL A 60 -2.75 1.10 10.26
N PHE A 61 -2.81 0.51 11.46
CA PHE A 61 -1.89 0.93 12.53
C PHE A 61 -0.44 0.69 12.19
N SER A 62 -0.09 -0.48 11.65
CA SER A 62 1.28 -0.87 11.44
C SER A 62 1.78 -0.66 10.00
N ARG A 63 0.85 -0.56 9.07
CA ARG A 63 1.07 -0.50 7.66
C ARG A 63 1.73 -1.79 7.16
N LYS A 64 1.58 -2.90 7.91
CA LYS A 64 2.10 -4.19 7.52
C LYS A 64 0.95 -5.08 6.99
N ALA A 65 1.27 -6.01 6.10
CA ALA A 65 0.31 -6.84 5.39
C ALA A 65 -0.04 -8.10 6.19
N LEU A 66 -1.33 -8.47 6.12
CA LEU A 66 -1.70 -9.80 6.55
C LEU A 66 -0.97 -10.83 5.68
N THR A 67 -0.32 -11.77 6.35
CA THR A 67 0.66 -12.69 5.80
C THR A 67 0.42 -14.10 6.34
N VAL A 68 0.41 -15.09 5.49
CA VAL A 68 0.46 -16.47 5.90
C VAL A 68 1.95 -16.80 6.07
N LYS A 69 2.30 -17.39 7.22
CA LYS A 69 3.66 -17.92 7.41
C LYS A 69 3.96 -19.04 6.41
N GLU A 70 5.24 -19.39 6.30
CA GLU A 70 5.68 -20.47 5.43
C GLU A 70 5.03 -21.80 5.81
N ASN A 71 4.57 -21.96 7.08
CA ASN A 71 3.90 -23.17 7.50
C ASN A 71 2.48 -23.31 6.92
N MET A 72 1.99 -22.24 6.23
CA MET A 72 0.72 -22.25 5.48
C MET A 72 -0.48 -22.41 6.43
N HIS A 73 -0.35 -22.09 7.73
CA HIS A 73 -1.43 -22.11 8.70
CA HIS A 73 -1.47 -22.06 8.61
C HIS A 73 -1.52 -20.81 9.50
N ASP A 74 -0.38 -20.30 10.02
CA ASP A 74 -0.41 -19.20 10.95
C ASP A 74 -0.50 -17.88 10.16
N ILE A 75 -1.31 -16.96 10.67
CA ILE A 75 -1.52 -15.64 10.06
C ILE A 75 -0.91 -14.59 11.01
N VAL A 76 -0.03 -13.76 10.42
CA VAL A 76 0.64 -12.67 11.11
C VAL A 76 0.60 -11.42 10.23
N GLN A 77 1.12 -10.32 10.75
CA GLN A 77 1.44 -9.20 9.87
C GLN A 77 2.94 -9.21 9.56
N SER A 78 3.26 -8.70 8.36
CA SER A 78 4.68 -8.54 7.94
C SER A 78 4.75 -7.48 6.84
N ASP A 79 5.92 -6.82 6.71
CA ASP A 79 6.11 -5.86 5.66
C ASP A 79 5.67 -6.48 4.34
N TYR A 80 4.93 -5.71 3.55
CA TYR A 80 4.46 -6.17 2.27
C TYR A 80 5.61 -6.25 1.29
N CYS A 81 5.86 -7.43 0.73
CA CYS A 81 6.91 -7.46 -0.31
CA CYS A 81 6.96 -7.66 -0.18
C CYS A 81 6.45 -8.32 -1.47
N SER A 82 5.16 -8.17 -1.76
CA SER A 82 4.52 -8.74 -2.97
CA SER A 82 4.58 -8.75 -2.97
C SER A 82 4.72 -10.28 -2.98
N LEU A 83 4.65 -10.92 -1.81
CA LEU A 83 4.68 -12.39 -1.76
C LEU A 83 3.29 -12.96 -2.05
N SER A 84 3.23 -14.16 -2.65
CA SER A 84 1.92 -14.84 -2.88
C SER A 84 1.22 -15.11 -1.54
N ARG A 85 1.98 -15.30 -0.46
CA ARG A 85 1.44 -15.48 0.89
C ARG A 85 0.96 -14.17 1.55
N GLN A 86 0.98 -13.06 0.81
CA GLN A 86 0.44 -11.75 1.23
C GLN A 86 -0.62 -11.24 0.27
N GLN A 87 -1.07 -12.08 -0.65
CA GLN A 87 -2.02 -11.70 -1.66
C GLN A 87 -3.25 -12.59 -1.51
N TRP A 88 -4.41 -12.00 -1.80
CA TRP A 88 -5.70 -12.64 -1.43
C TRP A 88 -6.70 -12.48 -2.56
N ILE A 89 -7.50 -13.52 -2.74
CA ILE A 89 -8.67 -13.53 -3.64
C ILE A 89 -9.87 -13.27 -2.75
N PHE A 90 -10.70 -12.26 -3.13
CA PHE A 90 -11.93 -11.94 -2.43
C PHE A 90 -13.11 -12.49 -3.21
N GLU A 91 -13.66 -13.61 -2.77
CA GLU A 91 -14.78 -14.25 -3.43
C GLU A 91 -16.05 -13.75 -2.78
N ASP A 92 -16.75 -12.89 -3.49
CA ASP A 92 -17.91 -12.14 -2.99
C ASP A 92 -19.19 -12.92 -3.24
N ASN A 93 -19.90 -13.26 -2.16
CA ASN A 93 -21.26 -13.89 -2.21
C ASN A 93 -22.34 -12.82 -2.30
N PRO A 94 -23.51 -13.19 -2.86
CA PRO A 94 -24.58 -12.20 -3.09
C PRO A 94 -25.18 -11.58 -1.81
N ASP A 95 -25.14 -12.33 -0.71
CA ASP A 95 -25.58 -11.84 0.61
C ASP A 95 -24.57 -10.96 1.37
N GLY A 96 -23.42 -10.66 0.77
CA GLY A 96 -22.52 -9.65 1.30
C GLY A 96 -21.37 -10.26 2.07
N THR A 97 -21.33 -11.58 2.15
CA THR A 97 -20.14 -12.22 2.77
C THR A 97 -19.09 -12.43 1.68
N THR A 98 -17.89 -12.67 2.16
CA THR A 98 -16.67 -12.84 1.28
C THR A 98 -15.81 -13.96 1.81
N ILE A 99 -15.39 -14.87 0.95
CA ILE A 99 -14.41 -15.91 1.24
C ILE A 99 -13.04 -15.34 0.87
N ILE A 100 -12.09 -15.32 1.80
CA ILE A 100 -10.80 -14.64 1.58
C ILE A 100 -9.73 -15.73 1.43
N ARG A 101 -9.32 -15.95 0.18
CA ARG A 101 -8.52 -17.09 -0.16
C ARG A 101 -7.06 -16.72 -0.41
N CYS A 102 -6.15 -17.56 0.07
CA CYS A 102 -4.69 -17.29 -0.06
C CYS A 102 -4.24 -17.51 -1.53
N TYR A 103 -3.64 -16.51 -2.13
CA TYR A 103 -3.25 -16.63 -3.55
C TYR A 103 -2.29 -17.82 -3.75
N GLU A 104 -1.39 -18.04 -2.80
CA GLU A 104 -0.41 -19.11 -2.91
C GLU A 104 -1.08 -20.49 -2.97
N ASN A 105 -2.21 -20.66 -2.31
CA ASN A 105 -2.96 -21.90 -2.38
C ASN A 105 -4.39 -21.55 -1.99
N PRO A 106 -5.25 -21.27 -2.99
CA PRO A 106 -6.57 -20.71 -2.68
C PRO A 106 -7.58 -21.71 -2.13
N GLU A 107 -7.24 -22.99 -2.07
CA GLU A 107 -8.05 -23.92 -1.27
C GLU A 107 -8.01 -23.55 0.22
N LEU A 108 -6.94 -22.84 0.64
CA LEU A 108 -6.73 -22.44 2.02
C LEU A 108 -7.20 -21.00 2.18
N VAL A 109 -8.05 -20.77 3.19
CA VAL A 109 -8.78 -19.53 3.32
C VAL A 109 -8.71 -19.02 4.75
N LEU A 110 -8.95 -17.71 4.89
CA LEU A 110 -8.95 -17.12 6.24
C LEU A 110 -10.07 -17.76 7.05
N SER A 111 -9.66 -18.19 8.24
CA SER A 111 -10.45 -19.04 9.12
C SER A 111 -10.08 -18.67 10.56
N VAL A 112 -10.64 -19.37 11.53
CA VAL A 112 -10.31 -19.15 12.97
C VAL A 112 -9.95 -20.48 13.62
N THR A 113 -9.17 -20.40 14.67
CA THR A 113 -8.88 -21.57 15.50
C THR A 113 -9.95 -21.75 16.58
N GLY A 114 -10.79 -20.75 16.80
CA GLY A 114 -11.90 -20.76 17.72
C GLY A 114 -12.62 -19.45 17.63
N ASN A 115 -13.86 -19.39 18.11
CA ASN A 115 -14.75 -18.27 17.94
C ASN A 115 -14.10 -16.93 18.26
N ILE A 116 -13.35 -16.88 19.37
CA ILE A 116 -12.67 -15.66 19.81
C ILE A 116 -11.21 -15.97 20.06
N ASP A 117 -10.62 -16.81 19.18
CA ASP A 117 -9.22 -17.21 19.30
C ASP A 117 -8.40 -16.62 18.14
N LYS A 118 -7.59 -17.40 17.44
CA LYS A 118 -6.63 -16.85 16.53
C LYS A 118 -7.15 -16.95 15.10
N VAL A 119 -6.66 -16.10 14.22
CA VAL A 119 -6.90 -16.22 12.77
C VAL A 119 -5.87 -17.19 12.22
N CYS A 120 -6.33 -18.02 11.29
CA CYS A 120 -5.47 -19.04 10.67
C CYS A 120 -5.89 -19.22 9.21
N LEU A 121 -5.14 -20.04 8.50
CA LEU A 121 -5.50 -20.50 7.19
C LEU A 121 -5.91 -21.98 7.30
N SER A 122 -7.06 -22.33 6.76
CA SER A 122 -7.60 -23.66 6.80
C SER A 122 -8.26 -23.99 5.47
N PRO A 123 -8.38 -25.27 5.09
CA PRO A 123 -9.16 -25.61 3.90
C PRO A 123 -10.61 -25.13 3.98
N PHE A 124 -11.14 -24.61 2.87
CA PHE A 124 -12.45 -24.10 2.83
C PHE A 124 -13.42 -25.29 3.00
N THR A 125 -14.31 -25.17 4.00
CA THR A 125 -15.38 -26.17 4.25
C THR A 125 -16.73 -25.50 4.38
N ARG A 126 -16.83 -24.22 4.03
CA ARG A 126 -18.00 -23.39 4.20
C ARG A 126 -18.40 -23.27 5.68
N GLU A 127 -17.42 -23.33 6.58
CA GLU A 127 -17.63 -23.04 7.97
C GLU A 127 -18.00 -21.55 8.09
N ALA A 128 -18.85 -21.23 9.07
CA ALA A 128 -19.42 -19.88 9.15
C ALA A 128 -18.31 -18.84 9.31
N HIS A 129 -17.21 -19.15 10.02
CA HIS A 129 -16.13 -18.18 10.23
C HIS A 129 -15.21 -18.09 9.01
N GLN A 130 -15.55 -18.79 7.94
CA GLN A 130 -14.80 -18.64 6.64
C GLN A 130 -15.55 -17.65 5.76
N LEU A 131 -16.72 -17.15 6.19
CA LEU A 131 -17.50 -16.24 5.45
C LEU A 131 -17.48 -14.91 6.18
N TRP A 132 -16.58 -14.03 5.76
CA TRP A 132 -16.30 -12.75 6.36
C TRP A 132 -17.27 -11.65 5.89
N ARG A 133 -17.50 -10.65 6.68
CA ARG A 133 -18.14 -9.45 6.23
C ARG A 133 -17.14 -8.31 6.29
N ILE A 134 -16.84 -7.73 5.13
CA ILE A 134 -15.90 -6.62 5.06
C ILE A 134 -16.68 -5.33 5.22
N GLU A 135 -16.51 -4.65 6.36
CA GLU A 135 -17.30 -3.49 6.71
C GLU A 135 -16.36 -2.28 6.83
CA VAL B 1 -18.30 5.37 7.62
C VAL B 1 -17.46 4.31 6.93
N PRO B 2 -17.29 3.17 7.60
CA PRO B 2 -17.67 3.00 9.00
C PRO B 2 -16.62 3.41 10.04
N ARG B 3 -15.40 3.82 9.62
CA ARG B 3 -14.31 3.95 10.59
C ARG B 3 -13.50 5.25 10.45
N GLY B 4 -12.89 5.64 11.57
CA GLY B 4 -11.85 6.68 11.59
C GLY B 4 -10.48 6.01 11.43
N SER B 5 -9.75 6.37 10.37
CA SER B 5 -8.34 5.88 10.18
C SER B 5 -7.44 7.04 9.77
N HIS B 6 -6.22 7.04 10.33
CA HIS B 6 -5.16 8.03 10.07
C HIS B 6 -4.43 7.62 8.79
N MET B 7 -4.91 8.18 7.66
CA MET B 7 -4.31 8.00 6.34
C MET B 7 -4.93 9.03 5.37
N SER B 8 -4.07 9.70 4.59
CA SER B 8 -4.53 10.65 3.54
C SER B 8 -5.32 9.89 2.46
N ASN B 9 -6.48 10.46 2.10
CA ASN B 9 -7.34 10.01 1.00
C ASN B 9 -7.21 10.94 -0.20
N GLU B 10 -6.39 12.00 -0.10
CA GLU B 10 -6.41 12.99 -1.12
C GLU B 10 -5.48 12.52 -2.24
N ALA B 11 -5.98 12.61 -3.47
CA ALA B 11 -5.17 12.43 -4.67
C ALA B 11 -4.33 13.70 -4.83
N HIS B 12 -3.04 13.53 -5.05
CA HIS B 12 -2.19 14.67 -5.25
C HIS B 12 -1.61 14.69 -6.66
N THR B 13 -1.24 15.90 -7.08
CA THR B 13 -0.30 16.07 -8.20
C THR B 13 1.04 16.54 -7.64
N LEU B 14 2.13 16.20 -8.36
CA LEU B 14 3.50 16.57 -8.04
C LEU B 14 3.94 17.51 -9.15
N VAL B 15 4.06 18.79 -8.79
CA VAL B 15 4.08 19.86 -9.77
C VAL B 15 5.45 20.51 -9.89
N THR B 16 5.87 20.76 -11.14
CA THR B 16 7.13 21.41 -11.42
C THR B 16 6.99 22.92 -11.29
N PRO B 17 8.10 23.69 -11.31
CA PRO B 17 7.98 25.13 -11.28
C PRO B 17 7.27 25.75 -12.50
N GLU B 18 7.22 25.05 -13.63
CA GLU B 18 6.47 25.52 -14.80
C GLU B 18 5.00 25.09 -14.75
N GLY B 19 4.56 24.33 -13.75
CA GLY B 19 3.17 23.97 -13.66
C GLY B 19 2.82 22.65 -14.32
N ASN B 20 3.80 21.87 -14.78
CA ASN B 20 3.57 20.54 -15.35
C ASN B 20 3.64 19.52 -14.20
N VAL B 21 3.29 18.26 -14.46
CA VAL B 21 3.07 17.31 -13.41
C VAL B 21 3.74 15.96 -13.73
N ILE B 22 4.07 15.22 -12.67
CA ILE B 22 4.51 13.86 -12.83
C ILE B 22 3.33 13.07 -13.39
N ASP B 23 3.63 12.23 -14.37
CA ASP B 23 2.67 11.51 -15.17
C ASP B 23 3.25 10.14 -15.43
N ILE B 24 2.42 9.09 -15.31
CA ILE B 24 2.91 7.74 -15.71
C ILE B 24 2.66 7.58 -17.21
N GLN B 25 3.75 7.43 -17.96
CA GLN B 25 3.78 7.39 -19.42
C GLN B 25 2.76 6.40 -19.96
N GLY B 26 2.07 6.85 -21.01
CA GLY B 26 1.09 6.02 -21.69
C GLY B 26 -0.12 5.74 -20.85
N ALA B 27 -0.33 6.40 -19.72
CA ALA B 27 -1.33 6.02 -18.74
C ALA B 27 -1.21 4.53 -18.41
N SER B 28 0.00 4.05 -18.32
CA SER B 28 0.29 2.60 -18.19
C SER B 28 -0.12 2.08 -16.81
N GLN B 29 -0.60 0.83 -16.79
CA GLN B 29 -0.82 0.10 -15.55
C GLN B 29 0.29 -0.95 -15.33
N GLU B 30 1.38 -0.91 -16.10
CA GLU B 30 2.38 -1.93 -16.05
C GLU B 30 3.58 -1.57 -15.17
N ASN B 31 4.21 -2.59 -14.61
CA ASN B 31 5.51 -2.45 -13.98
C ASN B 31 6.50 -1.90 -14.99
N GLY B 32 7.35 -0.97 -14.53
CA GLY B 32 8.43 -0.44 -15.32
C GLY B 32 8.08 0.74 -16.17
N ALA B 33 6.81 1.18 -16.19
CA ALA B 33 6.42 2.34 -16.98
C ALA B 33 7.13 3.57 -16.40
N ASN B 34 7.66 4.39 -17.30
CA ASN B 34 8.36 5.60 -16.90
C ASN B 34 7.45 6.62 -16.23
N ALA B 35 8.03 7.34 -15.24
CA ALA B 35 7.45 8.59 -14.76
C ALA B 35 8.05 9.74 -15.60
N ILE B 36 7.17 10.54 -16.18
CA ILE B 36 7.56 11.62 -17.04
C ILE B 36 6.86 12.90 -16.61
N ILE B 37 7.31 14.02 -17.17
CA ILE B 37 6.64 15.31 -16.95
C ILE B 37 5.67 15.56 -18.07
N TYR B 38 4.48 16.06 -17.74
CA TYR B 38 3.46 16.26 -18.76
C TYR B 38 2.55 17.40 -18.33
N PRO B 39 1.95 18.15 -19.26
CA PRO B 39 0.93 19.11 -18.87
C PRO B 39 -0.27 18.46 -18.18
N ARG B 40 -0.83 19.14 -17.18
CA ARG B 40 -1.92 18.58 -16.41
C ARG B 40 -3.18 18.41 -17.26
N HIS B 41 -3.85 17.27 -17.21
CA HIS B 41 -5.09 17.09 -18.00
C HIS B 41 -6.28 16.46 -17.28
N GLY B 42 -6.14 16.24 -15.99
CA GLY B 42 -7.22 15.65 -15.21
C GLY B 42 -7.14 14.13 -15.03
N GLY B 43 -6.25 13.45 -15.76
CA GLY B 43 -6.26 11.98 -15.78
C GLY B 43 -5.69 11.35 -14.52
N GLU B 44 -6.12 10.14 -14.20
CA GLU B 44 -5.73 9.49 -12.98
C GLU B 44 -4.25 9.05 -12.96
N ASN B 45 -3.63 8.95 -14.15
CA ASN B 45 -2.22 8.59 -14.22
C ASN B 45 -1.32 9.77 -13.85
N GLN B 46 -1.92 10.92 -13.55
CA GLN B 46 -1.19 12.08 -13.02
C GLN B 46 -1.50 12.29 -11.53
N LEU B 47 -2.25 11.38 -10.90
CA LEU B 47 -2.62 11.55 -9.51
C LEU B 47 -1.94 10.48 -8.69
N PHE B 48 -1.55 10.85 -7.47
CA PHE B 48 -0.82 9.94 -6.60
C PHE B 48 -1.34 10.05 -5.15
N PHE B 49 -1.40 8.91 -4.49
CA PHE B 49 -1.59 8.88 -3.05
C PHE B 49 -0.22 8.98 -2.40
N ILE B 50 -0.15 9.80 -1.38
CA ILE B 50 1.10 9.92 -0.61
C ILE B 50 0.81 9.55 0.85
N ASP B 51 1.57 8.59 1.34
CA ASP B 51 1.39 8.15 2.75
C ASP B 51 2.66 8.49 3.51
N LYS B 52 2.60 9.55 4.29
CA LYS B 52 3.79 9.99 5.06
C LYS B 52 3.95 9.20 6.35
N GLN B 53 3.10 8.21 6.64
CA GLN B 53 3.44 7.30 7.74
C GLN B 53 4.58 6.38 7.37
N ILE B 54 4.66 5.98 6.09
CA ILE B 54 5.66 5.08 5.64
C ILE B 54 6.53 5.66 4.50
N GLY B 55 6.01 6.59 3.71
CA GLY B 55 6.78 7.31 2.72
C GLY B 55 6.57 6.84 1.31
N TRP B 56 5.47 6.17 0.99
CA TRP B 56 5.23 5.75 -0.39
C TRP B 56 4.45 6.79 -1.17
N ILE B 57 4.59 6.68 -2.51
CA ILE B 57 3.93 7.49 -3.50
C ILE B 57 3.32 6.51 -4.49
N ILE B 58 1.98 6.38 -4.49
CA ILE B 58 1.32 5.32 -5.28
C ILE B 58 0.38 5.95 -6.30
N SER B 59 0.52 5.53 -7.56
CA SER B 59 -0.33 5.96 -8.64
C SER B 59 -1.79 5.58 -8.37
N VAL B 60 -2.67 6.56 -8.46
CA VAL B 60 -4.11 6.32 -8.29
C VAL B 60 -4.57 5.34 -9.36
N PHE B 61 -4.13 5.51 -10.61
CA PHE B 61 -4.63 4.68 -11.73
C PHE B 61 -4.16 3.25 -11.64
N SER B 62 -2.86 3.03 -11.41
CA SER B 62 -2.23 1.71 -11.50
C SER B 62 -2.10 1.00 -10.13
N ARG B 63 -2.13 1.74 -9.03
CA ARG B 63 -1.84 1.30 -7.71
C ARG B 63 -0.41 0.80 -7.56
N LYS B 64 0.51 1.20 -8.44
CA LYS B 64 1.93 0.86 -8.33
C LYS B 64 2.71 2.07 -7.77
N ALA B 65 3.80 1.79 -7.12
CA ALA B 65 4.58 2.80 -6.37
C ALA B 65 5.63 3.47 -7.26
N LEU B 66 5.83 4.76 -7.03
CA LEU B 66 6.94 5.43 -7.63
C LEU B 66 8.23 4.83 -7.06
N THR B 67 9.12 4.38 -7.96
CA THR B 67 10.25 3.55 -7.62
C THR B 67 11.49 4.03 -8.36
N VAL B 68 12.60 4.18 -7.66
CA VAL B 68 13.86 4.32 -8.38
C VAL B 68 14.39 2.94 -8.73
N LYS B 69 14.79 2.79 -9.99
CA LYS B 69 15.40 1.53 -10.39
C LYS B 69 16.70 1.32 -9.59
N GLU B 70 17.17 0.05 -9.61
CA GLU B 70 18.41 -0.29 -8.97
C GLU B 70 19.61 0.55 -9.46
N ASN B 71 19.51 1.09 -10.69
CA ASN B 71 20.56 1.98 -11.24
C ASN B 71 20.65 3.32 -10.51
N MET B 72 19.64 3.66 -9.68
CA MET B 72 19.62 4.82 -8.80
C MET B 72 19.50 6.13 -9.59
N HIS B 73 19.00 6.02 -10.82
CA HIS B 73 18.70 7.17 -11.67
C HIS B 73 17.28 7.14 -12.20
N ASP B 74 16.87 6.07 -12.86
CA ASP B 74 15.61 6.08 -13.57
C ASP B 74 14.44 5.92 -12.59
N ILE B 75 13.34 6.66 -12.82
CA ILE B 75 12.13 6.56 -12.00
C ILE B 75 11.00 5.95 -12.84
N VAL B 76 10.42 4.87 -12.30
CA VAL B 76 9.30 4.16 -12.92
C VAL B 76 8.22 3.94 -11.85
N GLN B 77 7.10 3.36 -12.24
CA GLN B 77 6.21 2.73 -11.30
C GLN B 77 6.51 1.22 -11.25
N SER B 78 6.30 0.65 -10.06
CA SER B 78 6.45 -0.81 -9.90
C SER B 78 5.67 -1.24 -8.66
N ASP B 79 5.23 -2.51 -8.64
CA ASP B 79 4.57 -3.05 -7.48
C ASP B 79 5.33 -2.65 -6.20
N TYR B 80 4.59 -2.19 -5.21
CA TYR B 80 5.19 -1.84 -3.91
C TYR B 80 5.69 -3.10 -3.22
N CYS B 81 6.90 -3.10 -2.73
CA CYS B 81 7.36 -4.29 -1.99
CA CYS B 81 7.54 -4.25 -2.13
C CYS B 81 8.29 -3.88 -0.85
N SER B 82 7.95 -2.73 -0.27
CA SER B 82 8.60 -2.22 0.96
C SER B 82 10.10 -1.95 0.73
N LEU B 83 10.48 -1.57 -0.49
CA LEU B 83 11.89 -1.30 -0.77
C LEU B 83 12.23 0.14 -0.37
N SER B 84 13.50 0.32 -0.01
CA SER B 84 14.06 1.63 0.31
CA SER B 84 13.95 1.66 0.33
C SER B 84 14.01 2.56 -0.91
N ARG B 85 14.02 1.99 -2.12
CA ARG B 85 13.88 2.69 -3.40
C ARG B 85 12.42 3.06 -3.75
N GLN B 86 11.48 2.76 -2.84
CA GLN B 86 10.10 3.08 -2.96
C GLN B 86 9.59 3.89 -1.77
N GLN B 87 10.54 4.38 -0.96
CA GLN B 87 10.20 5.11 0.25
C GLN B 87 10.91 6.45 0.16
N TRP B 88 10.21 7.50 0.57
CA TRP B 88 10.62 8.89 0.30
C TRP B 88 10.53 9.73 1.57
N ILE B 89 11.48 10.65 1.75
CA ILE B 89 11.47 11.67 2.79
C ILE B 89 11.02 12.97 2.14
N PHE B 90 9.95 13.55 2.68
CA PHE B 90 9.38 14.80 2.23
C PHE B 90 9.88 15.93 3.11
N GLU B 91 10.87 16.65 2.59
CA GLU B 91 11.48 17.78 3.29
C GLU B 91 10.73 19.05 2.91
N ASP B 92 9.89 19.53 3.83
CA ASP B 92 9.00 20.61 3.51
C ASP B 92 9.63 21.96 3.81
N ASN B 93 9.71 22.82 2.82
CA ASN B 93 10.33 24.12 2.89
C ASN B 93 9.27 25.15 3.25
N PRO B 94 9.73 26.28 3.88
CA PRO B 94 8.87 27.38 4.28
C PRO B 94 8.05 28.01 3.14
N ASP B 95 8.58 27.96 1.91
CA ASP B 95 7.91 28.55 0.71
C ASP B 95 6.83 27.63 0.11
N GLY B 96 6.62 26.44 0.71
CA GLY B 96 5.59 25.51 0.30
C GLY B 96 6.08 24.48 -0.73
N THR B 97 7.35 24.54 -1.08
CA THR B 97 7.96 23.49 -1.89
C THR B 97 8.43 22.34 -1.00
N THR B 98 8.72 21.22 -1.63
CA THR B 98 9.14 20.00 -0.99
C THR B 98 10.29 19.38 -1.77
N ILE B 99 11.35 18.99 -1.09
CA ILE B 99 12.45 18.17 -1.60
C ILE B 99 12.04 16.73 -1.31
N ILE B 100 12.08 15.85 -2.31
CA ILE B 100 11.58 14.49 -2.19
C ILE B 100 12.78 13.55 -2.31
N ARG B 101 13.24 13.09 -1.15
CA ARG B 101 14.53 12.44 -1.03
C ARG B 101 14.37 10.93 -0.99
N CYS B 102 15.27 10.20 -1.65
CA CYS B 102 15.26 8.73 -1.64
C CYS B 102 15.73 8.21 -0.29
N TYR B 103 14.89 7.38 0.37
CA TYR B 103 15.25 6.90 1.72
C TYR B 103 16.57 6.14 1.66
N GLU B 104 16.81 5.36 0.62
CA GLU B 104 18.04 4.59 0.52
C GLU B 104 19.31 5.45 0.55
N ASN B 105 19.26 6.60 -0.11
CA ASN B 105 20.34 7.55 -0.12
C ASN B 105 19.72 8.93 -0.28
N PRO B 106 19.48 9.64 0.83
CA PRO B 106 18.70 10.86 0.77
C PRO B 106 19.43 12.04 0.16
N GLU B 107 20.71 11.92 -0.16
CA GLU B 107 21.40 12.91 -0.94
C GLU B 107 20.87 12.91 -2.37
N LEU B 108 20.23 11.83 -2.79
CA LEU B 108 19.67 11.64 -4.15
C LEU B 108 18.17 11.91 -4.09
N VAL B 109 17.69 12.84 -4.92
CA VAL B 109 16.36 13.41 -4.78
C VAL B 109 15.65 13.38 -6.12
N LEU B 110 14.30 13.42 -6.03
CA LEU B 110 13.47 13.46 -7.25
C LEU B 110 13.76 14.73 -8.02
N SER B 111 14.01 14.55 -9.31
CA SER B 111 14.57 15.55 -10.23
C SER B 111 13.99 15.28 -11.62
N VAL B 112 14.46 16.02 -12.61
CA VAL B 112 14.04 15.79 -14.00
C VAL B 112 15.27 15.72 -14.87
N THR B 113 15.10 15.05 -16.02
CA THR B 113 16.14 15.03 -17.04
C THR B 113 15.99 16.22 -17.98
N GLY B 114 14.88 16.92 -17.91
CA GLY B 114 14.58 18.12 -18.66
C GLY B 114 13.23 18.61 -18.28
N ASN B 115 12.92 19.87 -18.59
CA ASN B 115 11.78 20.53 -18.15
C ASN B 115 10.47 19.78 -18.42
N ILE B 116 10.37 19.19 -19.62
CA ILE B 116 9.20 18.42 -20.02
C ILE B 116 9.67 17.06 -20.51
N ASP B 117 10.63 16.47 -19.77
CA ASP B 117 11.25 15.17 -20.08
C ASP B 117 10.99 14.19 -18.97
N LYS B 118 11.94 13.37 -18.57
CA LYS B 118 11.63 12.25 -17.68
C LYS B 118 11.88 12.69 -16.24
N VAL B 119 11.23 12.01 -15.31
CA VAL B 119 11.60 12.14 -13.87
C VAL B 119 12.75 11.21 -13.60
N CYS B 120 13.68 11.66 -12.73
CA CYS B 120 14.88 10.87 -12.40
C CYS B 120 15.27 11.17 -10.96
N LEU B 121 16.31 10.47 -10.52
CA LEU B 121 16.92 10.70 -9.25
C LEU B 121 18.30 11.31 -9.52
N SER B 122 18.64 12.39 -8.84
CA SER B 122 19.90 13.13 -9.04
C SER B 122 20.37 13.64 -7.69
N PRO B 123 21.68 13.86 -7.49
CA PRO B 123 22.16 14.53 -6.28
C PRO B 123 21.50 15.90 -6.08
N PHE B 124 21.13 16.21 -4.83
CA PHE B 124 20.51 17.46 -4.51
C PHE B 124 21.50 18.64 -4.69
N THR B 125 21.10 19.59 -5.54
CA THR B 125 21.93 20.78 -5.75
C THR B 125 21.09 22.05 -5.72
N ARG B 126 19.87 21.96 -5.19
CA ARG B 126 18.88 23.03 -5.13
C ARG B 126 18.55 23.52 -6.56
N GLU B 127 18.61 22.62 -7.52
CA GLU B 127 18.15 22.89 -8.93
C GLU B 127 16.63 23.05 -8.89
N ALA B 128 16.06 23.89 -9.74
CA ALA B 128 14.70 24.35 -9.57
C ALA B 128 13.70 23.20 -9.58
N HIS B 129 13.97 22.18 -10.38
CA HIS B 129 13.05 21.07 -10.51
C HIS B 129 13.25 20.05 -9.41
N GLN B 130 14.15 20.28 -8.47
CA GLN B 130 14.24 19.45 -7.28
C GLN B 130 13.34 19.99 -6.18
N LEU B 131 12.66 21.13 -6.39
CA LEU B 131 11.78 21.74 -5.42
C LEU B 131 10.34 21.60 -5.92
N TRP B 132 9.69 20.53 -5.52
CA TRP B 132 8.34 20.19 -5.96
C TRP B 132 7.20 20.90 -5.20
N ARG B 133 6.06 21.07 -5.84
CA ARG B 133 4.87 21.47 -5.17
C ARG B 133 3.91 20.29 -5.17
N ILE B 134 3.59 19.79 -3.97
CA ILE B 134 2.68 18.70 -3.83
C ILE B 134 1.28 19.33 -3.66
N GLU B 135 0.47 19.27 -4.70
CA GLU B 135 -0.84 19.89 -4.69
C GLU B 135 -1.92 18.84 -4.47
#